data_5MT8
#
_entry.id   5MT8
#
_cell.length_a   111.159
_cell.length_b   111.159
_cell.length_c   124.553
_cell.angle_alpha   90.00
_cell.angle_beta   90.00
_cell.angle_gamma   120.00
#
_symmetry.space_group_name_H-M   'H 3 2'
#
loop_
_entity.id
_entity.type
_entity.pdbx_description
1 polymer 'Rhomboid protease GlpG'
2 polymer ACE-ARG-VAL-ARG-HIS-ALA-0QE
3 non-polymer 'nonyl beta-D-glucopyranoside'
4 non-polymer 'CHLORIDE ION'
5 water water
#
loop_
_entity_poly.entity_id
_entity_poly.type
_entity_poly.pdbx_seq_one_letter_code
_entity_poly.pdbx_strand_id
1 'polypeptide(L)'
;RAGPVTWVMMIACVVVFIAMQILGDQEVMLWLAWPFDPTLKFEFWRYFTHALMHFSLMHILFNLLWWWYLGGAVEKRLGS
GKLIVITLISALLSGYVQQKFSGPWFGGLSGVVYALMGYVWLRGERDPQSGIYLQRGLIIFALIWIVAGWFDLFGMSMAN
GAHIAGLAVGLAMAFVDSL
;
A
2 'polypeptide(L)' (ACE)RVRHA(0QE) B
#
loop_
_chem_comp.id
_chem_comp.type
_chem_comp.name
_chem_comp.formula
0QE non-polymer chloromethane 'C H3 Cl'
ACE non-polymer 'ACETYL GROUP' 'C2 H4 O'
BNG D-saccharide 'nonyl beta-D-glucopyranoside' 'C15 H30 O6'
CL non-polymer 'CHLORIDE ION' 'Cl -1'
#
# COMPACT_ATOMS: atom_id res chain seq x y z
N ARG A 1 -18.80 10.37 1.40
CA ARG A 1 -17.62 10.43 0.48
C ARG A 1 -16.29 10.24 1.23
N ALA A 2 -15.22 10.09 0.46
CA ALA A 2 -13.85 9.97 0.98
C ALA A 2 -13.36 11.19 1.78
N GLY A 3 -12.86 10.95 2.99
CA GLY A 3 -12.29 12.01 3.84
C GLY A 3 -10.98 12.54 3.29
N PRO A 4 -10.37 13.53 3.98
CA PRO A 4 -9.21 14.24 3.44
C PRO A 4 -7.96 13.38 3.18
N VAL A 5 -7.68 12.39 4.02
CA VAL A 5 -6.48 11.55 3.82
C VAL A 5 -6.67 10.58 2.65
N THR A 6 -7.83 9.92 2.62
CA THR A 6 -8.21 9.06 1.51
C THR A 6 -8.07 9.79 0.18
N TRP A 7 -8.64 10.99 0.12
CA TRP A 7 -8.60 11.85 -1.05
C TRP A 7 -7.20 12.31 -1.46
N VAL A 8 -6.40 12.83 -0.52
CA VAL A 8 -5.09 13.36 -0.89
C VAL A 8 -4.15 12.28 -1.41
N MET A 9 -4.23 11.07 -0.85
CA MET A 9 -3.48 9.91 -1.36
C MET A 9 -3.84 9.56 -2.83
N MET A 10 -5.14 9.54 -3.12
CA MET A 10 -5.63 9.26 -4.49
C MET A 10 -5.14 10.32 -5.47
N ILE A 11 -5.25 11.58 -5.07
CA ILE A 11 -4.74 12.70 -5.90
C ILE A 11 -3.24 12.58 -6.10
N ALA A 12 -2.50 12.35 -5.01
CA ALA A 12 -1.04 12.14 -5.10
C ALA A 12 -0.65 11.02 -6.10
N CYS A 13 -1.32 9.88 -6.00
CA CYS A 13 -1.03 8.75 -6.90
C CYS A 13 -1.33 9.08 -8.37
N VAL A 14 -2.44 9.79 -8.62
CA VAL A 14 -2.77 10.20 -9.99
C VAL A 14 -1.77 11.23 -10.53
N VAL A 15 -1.39 12.19 -9.70
CA VAL A 15 -0.36 13.19 -10.11
C VAL A 15 0.95 12.50 -10.50
N VAL A 16 1.40 11.55 -9.68
CA VAL A 16 2.62 10.82 -9.94
C VAL A 16 2.50 9.95 -11.18
N PHE A 17 1.34 9.30 -11.37
CA PHE A 17 1.10 8.48 -12.54
C PHE A 17 1.14 9.31 -13.84
N ILE A 18 0.51 10.49 -13.82
CA ILE A 18 0.60 11.43 -14.94
C ILE A 18 2.06 11.85 -15.20
N ALA A 19 2.80 12.20 -14.15
CA ALA A 19 4.24 12.54 -14.29
C ALA A 19 5.04 11.40 -14.91
N MET A 20 4.70 10.17 -14.54
CA MET A 20 5.36 8.99 -15.11
C MET A 20 5.07 8.79 -16.61
N GLN A 21 3.89 9.16 -17.08
CA GLN A 21 3.59 9.07 -18.51
C GLN A 21 4.32 10.20 -19.25
N ILE A 22 4.33 11.40 -18.67
CA ILE A 22 4.99 12.54 -19.30
C ILE A 22 6.52 12.41 -19.32
N LEU A 23 7.13 12.15 -18.16
CA LEU A 23 8.59 12.13 -18.04
C LEU A 23 9.22 10.76 -18.23
N GLY A 24 8.42 9.69 -18.18
CA GLY A 24 8.92 8.33 -18.20
C GLY A 24 9.03 7.79 -16.77
N ASP A 25 8.83 6.48 -16.62
CA ASP A 25 8.92 5.78 -15.34
C ASP A 25 10.27 5.93 -14.69
N GLN A 26 11.33 5.85 -15.48
CA GLN A 26 12.70 5.91 -14.97
C GLN A 26 13.00 7.25 -14.31
N GLU A 27 12.59 8.35 -14.94
CA GLU A 27 12.89 9.69 -14.38
C GLU A 27 12.18 9.91 -13.06
N VAL A 28 10.91 9.52 -12.98
CA VAL A 28 10.17 9.66 -11.71
C VAL A 28 10.78 8.76 -10.63
N MET A 29 11.17 7.53 -11.00
CA MET A 29 11.84 6.63 -10.07
C MET A 29 13.14 7.19 -9.50
N LEU A 30 13.91 7.93 -10.30
CA LEU A 30 15.09 8.60 -9.78
C LEU A 30 14.77 9.55 -8.62
N TRP A 31 13.63 10.22 -8.67
CA TRP A 31 13.19 11.11 -7.61
C TRP A 31 12.50 10.42 -6.44
N LEU A 32 11.69 9.39 -6.71
CA LEU A 32 10.79 8.84 -5.68
C LEU A 32 11.09 7.45 -5.16
N ALA A 33 12.00 6.72 -5.80
CA ALA A 33 12.30 5.36 -5.38
C ALA A 33 13.04 5.34 -4.05
N TRP A 34 12.87 4.24 -3.30
CA TRP A 34 13.71 3.88 -2.15
C TRP A 34 15.18 4.20 -2.48
N PRO A 35 15.94 4.74 -1.52
CA PRO A 35 17.32 5.14 -1.86
C PRO A 35 18.11 4.00 -2.50
N PHE A 36 18.65 4.27 -3.68
CA PHE A 36 19.35 3.26 -4.47
C PHE A 36 20.85 3.52 -4.56
N ASP A 37 21.30 4.58 -3.88
CA ASP A 37 22.70 4.97 -3.76
C ASP A 37 22.87 5.61 -2.37
N PRO A 38 24.02 5.38 -1.68
CA PRO A 38 24.28 5.98 -0.35
C PRO A 38 24.12 7.50 -0.26
N THR A 39 24.36 8.19 -1.37
CA THR A 39 24.14 9.63 -1.44
C THR A 39 22.67 10.08 -1.26
N LEU A 40 21.72 9.15 -1.38
CA LEU A 40 20.29 9.48 -1.26
C LEU A 40 19.70 9.11 0.09
N LYS A 41 20.53 8.59 1.00
CA LYS A 41 20.05 8.04 2.27
C LYS A 41 19.30 9.03 3.18
N PHE A 42 19.60 10.32 3.09
CA PHE A 42 18.92 11.33 3.93
C PHE A 42 17.69 11.96 3.25
N GLU A 43 17.39 11.56 2.02
CA GLU A 43 16.19 12.02 1.33
C GLU A 43 15.00 11.22 1.81
N PHE A 44 14.54 11.63 2.99
CA PHE A 44 13.61 10.90 3.85
C PHE A 44 12.32 10.47 3.16
N TRP A 45 11.84 11.29 2.23
CA TRP A 45 10.58 11.00 1.54
C TRP A 45 10.60 9.65 0.81
N ARG A 46 11.79 9.25 0.33
CA ARG A 46 11.99 8.01 -0.48
C ARG A 46 11.61 6.71 0.21
N TYR A 47 11.65 6.73 1.55
CA TYR A 47 11.27 5.58 2.34
C TYR A 47 9.75 5.32 2.29
N PHE A 48 8.99 6.29 1.79
CA PHE A 48 7.56 6.26 1.66
C PHE A 48 7.06 6.45 0.20
N THR A 49 7.73 7.28 -0.61
CA THR A 49 7.15 7.70 -1.88
C THR A 49 7.15 6.61 -2.96
N HIS A 50 7.90 5.53 -2.75
CA HIS A 50 7.76 4.31 -3.57
C HIS A 50 6.29 3.86 -3.63
N ALA A 51 5.54 4.10 -2.55
CA ALA A 51 4.14 3.72 -2.55
C ALA A 51 3.25 4.51 -3.54
N LEU A 52 3.74 5.65 -4.02
CA LEU A 52 2.97 6.53 -4.93
C LEU A 52 3.14 6.25 -6.40
N MET A 53 4.11 5.42 -6.76
CA MET A 53 4.41 5.08 -8.15
C MET A 53 3.68 3.83 -8.61
N HIS A 54 3.00 3.91 -9.77
CA HIS A 54 2.40 2.75 -10.39
C HIS A 54 2.81 2.66 -11.87
N PHE A 55 2.93 1.42 -12.34
CA PHE A 55 3.55 1.09 -13.63
C PHE A 55 2.57 0.59 -14.63
N SER A 56 1.37 0.23 -14.19
CA SER A 56 0.36 -0.25 -15.14
C SER A 56 -1.00 0.28 -14.74
N LEU A 57 -1.90 0.33 -15.72
CA LEU A 57 -3.26 0.80 -15.49
C LEU A 57 -3.97 -0.11 -14.51
N MET A 58 -3.81 -1.42 -14.65
CA MET A 58 -4.44 -2.38 -13.75
C MET A 58 -4.01 -2.15 -12.26
N HIS A 59 -2.72 -2.05 -12.09
CA HIS A 59 -2.01 -1.82 -10.82
C HIS A 59 -2.59 -0.59 -10.08
N ILE A 60 -2.54 0.58 -10.71
CA ILE A 60 -3.12 1.79 -10.10
C ILE A 60 -4.62 1.71 -9.83
N LEU A 61 -5.40 1.11 -10.74
CA LEU A 61 -6.86 1.04 -10.56
C LEU A 61 -7.25 0.17 -9.41
N PHE A 62 -6.70 -1.03 -9.33
CA PHE A 62 -7.10 -1.92 -8.25
C PHE A 62 -6.59 -1.41 -6.88
N ASN A 63 -5.38 -0.86 -6.84
CA ASN A 63 -4.85 -0.31 -5.57
C ASN A 63 -5.69 0.84 -5.12
N LEU A 64 -6.03 1.76 -6.02
CA LEU A 64 -6.86 2.89 -5.62
C LEU A 64 -8.29 2.50 -5.26
N LEU A 65 -8.84 1.47 -5.91
CA LEU A 65 -10.16 0.98 -5.53
C LEU A 65 -10.16 0.47 -4.07
N TRP A 66 -9.22 -0.40 -3.75
CA TRP A 66 -9.08 -0.96 -2.39
C TRP A 66 -8.79 0.14 -1.37
N TRP A 67 -7.87 1.04 -1.71
CA TRP A 67 -7.56 2.22 -0.87
C TRP A 67 -8.80 3.10 -0.64
N TRP A 68 -9.52 3.42 -1.70
CA TRP A 68 -10.72 4.25 -1.58
C TRP A 68 -11.74 3.62 -0.60
N TYR A 69 -11.94 2.31 -0.75
CA TYR A 69 -12.90 1.58 0.06
C TYR A 69 -12.42 1.34 1.49
N LEU A 70 -11.27 0.68 1.64
CA LEU A 70 -10.78 0.34 2.98
C LEU A 70 -10.21 1.57 3.72
N GLY A 71 -9.45 2.40 3.03
CA GLY A 71 -8.98 3.66 3.60
C GLY A 71 -10.14 4.57 3.97
N GLY A 72 -11.12 4.70 3.08
CA GLY A 72 -12.30 5.54 3.35
C GLY A 72 -13.05 5.13 4.62
N ALA A 73 -13.17 3.81 4.80
CA ALA A 73 -13.83 3.23 5.96
C ALA A 73 -13.01 3.39 7.23
N VAL A 74 -11.70 3.15 7.17
CA VAL A 74 -10.85 3.39 8.33
C VAL A 74 -10.91 4.85 8.76
N GLU A 75 -10.80 5.76 7.81
CA GLU A 75 -10.85 7.18 8.10
C GLU A 75 -12.20 7.62 8.69
N LYS A 76 -13.30 7.11 8.12
CA LYS A 76 -14.64 7.42 8.63
C LYS A 76 -14.85 6.88 10.05
N ARG A 77 -14.56 5.60 10.28
CA ARG A 77 -14.83 4.96 11.57
C ARG A 77 -13.82 5.35 12.66
N LEU A 78 -12.52 5.40 12.32
CA LEU A 78 -11.44 5.55 13.31
C LEU A 78 -10.66 6.85 13.22
N GLY A 79 -10.94 7.67 12.21
CA GLY A 79 -10.31 8.97 12.05
C GLY A 79 -9.15 9.00 11.07
N SER A 80 -8.90 10.20 10.58
CA SER A 80 -7.82 10.50 9.68
C SER A 80 -6.46 10.15 10.22
N GLY A 81 -6.23 10.43 11.50
CA GLY A 81 -4.94 10.17 12.10
C GLY A 81 -4.59 8.68 12.06
N LYS A 82 -5.57 7.83 12.35
CA LYS A 82 -5.34 6.40 12.29
C LYS A 82 -4.88 5.97 10.88
N LEU A 83 -5.53 6.50 9.85
CA LEU A 83 -5.21 6.09 8.47
C LEU A 83 -3.81 6.54 8.10
N ILE A 84 -3.44 7.74 8.53
CA ILE A 84 -2.11 8.28 8.30
C ILE A 84 -1.03 7.34 8.88
N VAL A 85 -1.23 6.88 10.11
CA VAL A 85 -0.23 6.04 10.79
C VAL A 85 -0.14 4.64 10.17
N ILE A 86 -1.28 4.04 9.83
CA ILE A 86 -1.26 2.77 9.12
C ILE A 86 -0.48 2.91 7.82
N THR A 87 -0.75 3.99 7.10
CA THR A 87 -0.11 4.27 5.83
C THR A 87 1.40 4.44 5.94
N LEU A 88 1.84 5.27 6.89
CA LEU A 88 3.28 5.49 7.07
C LEU A 88 4.02 4.23 7.48
N ILE A 89 3.44 3.47 8.41
CA ILE A 89 4.06 2.27 8.95
C ILE A 89 4.13 1.22 7.85
N SER A 90 3.00 0.97 7.18
CA SER A 90 3.00 -0.05 6.12
C SER A 90 3.93 0.35 4.94
N ALA A 91 3.94 1.62 4.55
CA ALA A 91 4.81 2.04 3.43
C ALA A 91 6.27 1.87 3.79
N LEU A 92 6.66 2.29 5.00
CA LEU A 92 8.04 2.17 5.43
C LEU A 92 8.52 0.72 5.55
N LEU A 93 7.74 -0.09 6.23
CA LEU A 93 8.13 -1.47 6.50
C LEU A 93 8.06 -2.34 5.25
N SER A 94 7.01 -2.16 4.44
CA SER A 94 6.90 -2.90 3.18
C SER A 94 8.08 -2.59 2.28
N GLY A 95 8.47 -1.33 2.22
CA GLY A 95 9.64 -0.92 1.44
C GLY A 95 10.94 -1.52 1.94
N TYR A 96 11.11 -1.51 3.26
CA TYR A 96 12.29 -2.09 3.89
C TYR A 96 12.42 -3.59 3.55
N VAL A 97 11.34 -4.33 3.72
CA VAL A 97 11.36 -5.76 3.47
C VAL A 97 11.58 -6.00 1.96
N GLN A 98 10.93 -5.23 1.11
CA GLN A 98 11.12 -5.40 -0.32
C GLN A 98 12.56 -5.19 -0.75
N GLN A 99 13.16 -4.09 -0.30
CA GLN A 99 14.51 -3.77 -0.74
C GLN A 99 15.50 -4.80 -0.26
N LYS A 100 15.26 -5.32 0.96
CA LYS A 100 16.08 -6.38 1.53
C LYS A 100 16.10 -7.63 0.62
N PHE A 101 14.92 -8.07 0.18
CA PHE A 101 14.82 -9.25 -0.65
C PHE A 101 15.30 -9.00 -2.08
N SER A 102 14.90 -7.88 -2.70
CA SER A 102 15.07 -7.71 -4.17
C SER A 102 15.64 -6.38 -4.68
N GLY A 103 16.09 -5.52 -3.78
CA GLY A 103 16.64 -4.22 -4.15
C GLY A 103 15.59 -3.12 -4.27
N PRO A 104 16.02 -1.91 -4.62
CA PRO A 104 15.21 -0.70 -4.48
C PRO A 104 14.24 -0.36 -5.61
N TRP A 105 14.21 -1.15 -6.68
CA TRP A 105 13.42 -0.81 -7.87
C TRP A 105 12.03 -1.44 -7.82
N PHE A 106 11.16 -0.79 -7.06
CA PHE A 106 9.81 -1.26 -6.84
C PHE A 106 8.93 -0.06 -6.60
N GLY A 107 7.64 -0.29 -6.70
CA GLY A 107 6.66 0.75 -6.42
C GLY A 107 5.27 0.23 -6.35
N GLY A 108 4.40 1.03 -5.76
CA GLY A 108 3.00 0.73 -5.74
C GLY A 108 2.41 0.83 -4.36
N LEU A 109 1.12 1.07 -4.33
CA LEU A 109 0.37 1.24 -3.08
C LEU A 109 -0.07 -0.09 -2.44
N SER A 110 0.32 -1.22 -3.02
CA SER A 110 -0.18 -2.50 -2.57
C SER A 110 0.29 -2.94 -1.17
N GLY A 111 1.47 -2.50 -0.75
CA GLY A 111 1.93 -2.77 0.66
C GLY A 111 0.93 -2.18 1.64
N VAL A 112 0.52 -0.95 1.34
CA VAL A 112 -0.44 -0.21 2.14
C VAL A 112 -1.83 -0.86 2.04
N VAL A 113 -2.23 -1.23 0.82
CA VAL A 113 -3.53 -1.89 0.62
C VAL A 113 -3.62 -3.22 1.37
N TYR A 114 -2.58 -4.03 1.27
CA TYR A 114 -2.55 -5.31 1.97
C TYR A 114 -2.59 -5.10 3.50
N ALA A 115 -1.95 -4.04 3.99
CA ALA A 115 -2.07 -3.66 5.41
C ALA A 115 -3.51 -3.34 5.80
N LEU A 116 -4.19 -2.55 4.95
CA LEU A 116 -5.58 -2.20 5.22
C LEU A 116 -6.50 -3.42 5.22
N MET A 117 -6.25 -4.36 4.32
CA MET A 117 -7.02 -5.60 4.27
C MET A 117 -6.92 -6.41 5.56
N GLY A 118 -5.69 -6.64 6.00
CA GLY A 118 -5.41 -7.35 7.23
C GLY A 118 -5.90 -6.57 8.44
N TYR A 119 -5.71 -5.25 8.43
CA TYR A 119 -6.15 -4.42 9.53
C TYR A 119 -7.67 -4.47 9.69
N VAL A 120 -8.40 -4.14 8.63
CA VAL A 120 -9.84 -4.08 8.70
C VAL A 120 -10.44 -5.44 9.07
N TRP A 121 -9.88 -6.51 8.49
CA TRP A 121 -10.39 -7.84 8.77
C TRP A 121 -10.17 -8.24 10.24
N LEU A 122 -8.92 -8.16 10.69
CA LEU A 122 -8.58 -8.64 12.03
C LEU A 122 -9.20 -7.79 13.13
N ARG A 123 -9.25 -6.48 12.92
CA ARG A 123 -9.93 -5.56 13.83
C ARG A 123 -11.42 -5.88 13.96
N GLY A 124 -12.08 -6.19 12.86
CA GLY A 124 -13.50 -6.60 12.89
C GLY A 124 -13.70 -7.91 13.60
N GLU A 125 -12.75 -8.82 13.38
CA GLU A 125 -12.76 -10.15 13.98
C GLU A 125 -12.48 -10.11 15.50
N ARG A 126 -11.50 -9.31 15.92
CA ARG A 126 -11.09 -9.26 17.34
C ARG A 126 -11.80 -8.18 18.15
N ASP A 127 -12.37 -7.18 17.48
CA ASP A 127 -12.90 -6.02 18.17
C ASP A 127 -14.10 -5.45 17.42
N PRO A 128 -15.21 -6.22 17.34
CA PRO A 128 -16.44 -5.75 16.65
C PRO A 128 -16.96 -4.38 17.13
N GLN A 129 -16.75 -4.06 18.41
CA GLN A 129 -17.14 -2.75 18.99
C GLN A 129 -16.53 -1.52 18.30
N SER A 130 -15.39 -1.69 17.60
CA SER A 130 -14.81 -0.63 16.76
C SER A 130 -15.76 -0.08 15.66
N GLY A 131 -16.71 -0.90 15.22
CA GLY A 131 -17.62 -0.51 14.12
C GLY A 131 -16.97 -0.64 12.74
N ILE A 132 -15.87 -1.37 12.65
CA ILE A 132 -15.24 -1.64 11.35
C ILE A 132 -15.04 -3.14 11.17
N TYR A 133 -15.24 -3.61 9.94
CA TYR A 133 -15.07 -5.03 9.64
C TYR A 133 -14.97 -5.24 8.14
N LEU A 134 -14.44 -6.37 7.72
CA LEU A 134 -14.35 -6.72 6.31
C LEU A 134 -15.46 -7.72 6.03
N GLN A 135 -16.45 -7.32 5.22
CA GLN A 135 -17.58 -8.23 4.95
C GLN A 135 -17.15 -9.44 4.10
N ARG A 136 -17.97 -10.49 4.18
CA ARG A 136 -17.64 -11.81 3.63
C ARG A 136 -17.13 -11.78 2.21
N GLY A 137 -17.90 -11.16 1.33
CA GLY A 137 -17.54 -11.09 -0.08
C GLY A 137 -16.19 -10.45 -0.30
N LEU A 138 -15.88 -9.44 0.51
CA LEU A 138 -14.60 -8.75 0.38
C LEU A 138 -13.46 -9.55 0.99
N ILE A 139 -13.74 -10.36 2.00
CA ILE A 139 -12.73 -11.31 2.49
C ILE A 139 -12.27 -12.21 1.34
N ILE A 140 -13.24 -12.76 0.60
CA ILE A 140 -12.97 -13.66 -0.53
C ILE A 140 -12.17 -12.94 -1.60
N PHE A 141 -12.62 -11.75 -1.99
CA PHE A 141 -11.99 -10.95 -3.04
C PHE A 141 -10.53 -10.59 -2.59
N ALA A 142 -10.37 -10.19 -1.34
CA ALA A 142 -9.04 -9.88 -0.80
C ALA A 142 -8.13 -11.10 -0.84
N LEU A 143 -8.63 -12.24 -0.37
CA LEU A 143 -7.90 -13.52 -0.45
C LEU A 143 -7.44 -13.92 -1.84
N ILE A 144 -8.34 -13.83 -2.82
CA ILE A 144 -7.98 -14.12 -4.20
C ILE A 144 -6.86 -13.16 -4.68
N TRP A 145 -6.99 -11.89 -4.34
CA TRP A 145 -6.02 -10.86 -4.76
C TRP A 145 -4.63 -11.18 -4.22
N ILE A 146 -4.57 -11.50 -2.93
CA ILE A 146 -3.35 -11.93 -2.25
C ILE A 146 -2.74 -13.16 -2.92
N VAL A 147 -3.54 -14.21 -3.02
CA VAL A 147 -3.14 -15.46 -3.67
C VAL A 147 -2.54 -15.21 -5.05
N ALA A 148 -3.15 -14.31 -5.82
CA ALA A 148 -2.69 -14.00 -7.17
C ALA A 148 -1.28 -13.39 -7.19
N GLY A 149 -1.00 -12.49 -6.26
CA GLY A 149 0.31 -11.87 -6.11
C GLY A 149 1.36 -12.89 -5.73
N TRP A 150 1.11 -13.63 -4.65
CA TRP A 150 1.99 -14.72 -4.19
C TRP A 150 2.37 -15.72 -5.29
N PHE A 151 1.38 -16.20 -6.04
CA PHE A 151 1.63 -17.19 -7.11
C PHE A 151 1.84 -16.55 -8.47
N ASP A 152 2.03 -15.23 -8.49
CA ASP A 152 2.37 -14.49 -9.71
C ASP A 152 1.33 -14.72 -10.82
N LEU A 153 0.07 -14.52 -10.48
CA LEU A 153 -1.05 -14.74 -11.41
C LEU A 153 -1.44 -13.48 -12.22
N PHE A 154 -0.77 -12.36 -11.96
CA PHE A 154 -0.78 -11.27 -12.90
C PHE A 154 0.36 -11.58 -13.88
N GLY A 155 0.43 -10.88 -14.99
CA GLY A 155 1.55 -11.08 -15.92
C GLY A 155 2.71 -10.13 -15.59
N MET A 156 2.96 -9.89 -14.31
CA MET A 156 3.85 -8.81 -13.84
C MET A 156 4.77 -9.31 -12.75
N SER A 157 5.97 -8.75 -12.68
CA SER A 157 6.92 -9.06 -11.63
C SER A 157 6.39 -8.40 -10.34
N MET A 158 6.20 -9.18 -9.27
CA MET A 158 5.56 -8.71 -8.05
C MET A 158 6.59 -8.38 -6.99
N ALA A 159 6.25 -7.44 -6.11
CA ALA A 159 7.09 -7.09 -4.96
C ALA A 159 6.51 -7.88 -3.80
N ASN A 160 6.91 -9.15 -3.74
CA ASN A 160 6.36 -10.11 -2.77
C ASN A 160 6.71 -9.73 -1.33
N GLY A 161 7.92 -9.22 -1.12
CA GLY A 161 8.35 -8.68 0.20
C GLY A 161 7.46 -7.55 0.67
N ALA A 162 7.21 -6.56 -0.20
CA ALA A 162 6.27 -5.46 0.09
C ALA A 162 4.87 -5.95 0.47
N HIS A 163 4.36 -6.90 -0.31
CA HIS A 163 3.01 -7.41 -0.11
C HIS A 163 2.86 -8.19 1.19
N ILE A 164 3.80 -9.07 1.48
CA ILE A 164 3.70 -9.85 2.71
C ILE A 164 3.99 -8.99 3.95
N ALA A 165 4.97 -8.10 3.87
CA ALA A 165 5.28 -7.19 4.97
C ALA A 165 4.07 -6.26 5.23
N GLY A 166 3.43 -5.81 4.16
CA GLY A 166 2.21 -5.01 4.26
C GLY A 166 1.12 -5.73 5.02
N LEU A 167 0.81 -6.94 4.60
CA LEU A 167 -0.25 -7.73 5.26
C LEU A 167 0.08 -7.94 6.74
N ALA A 168 1.32 -8.36 7.02
CA ALA A 168 1.81 -8.53 8.39
C ALA A 168 1.58 -7.29 9.27
N VAL A 169 1.91 -6.13 8.71
CA VAL A 169 1.81 -4.84 9.41
C VAL A 169 0.38 -4.58 9.82
N GLY A 170 -0.54 -4.78 8.87
CA GLY A 170 -1.96 -4.54 9.11
C GLY A 170 -2.55 -5.44 10.19
N LEU A 171 -2.20 -6.73 10.11
CA LEU A 171 -2.61 -7.71 11.12
C LEU A 171 -2.02 -7.35 12.50
N ALA A 172 -0.74 -6.97 12.51
CA ALA A 172 -0.05 -6.57 13.76
C ALA A 172 -0.68 -5.36 14.43
N MET A 173 -0.96 -4.32 13.64
CA MET A 173 -1.65 -3.12 14.17
C MET A 173 -3.07 -3.36 14.64
N ALA A 174 -3.80 -4.25 13.95
CA ALA A 174 -5.15 -4.65 14.39
C ALA A 174 -5.09 -5.34 15.76
N PHE A 175 -4.14 -6.24 15.90
CA PHE A 175 -3.92 -6.95 17.13
C PHE A 175 -3.67 -5.97 18.27
N VAL A 176 -2.71 -5.07 18.04
CA VAL A 176 -2.36 -4.03 19.00
C VAL A 176 -3.56 -3.15 19.34
N ASP A 177 -4.28 -2.68 18.32
CA ASP A 177 -5.43 -1.80 18.56
C ASP A 177 -6.63 -2.49 19.21
N SER A 178 -6.72 -3.82 19.13
CA SER A 178 -7.85 -4.56 19.71
C SER A 178 -7.63 -4.93 21.20
N LEU A 179 -6.52 -4.51 21.79
CA LEU A 179 -6.29 -4.68 23.22
C LEU A 179 -6.90 -3.49 23.96
C ACE B 1 13.72 -6.51 -15.10
O ACE B 1 14.49 -5.98 -14.29
CH3 ACE B 1 14.24 -7.70 -15.94
N ARG B 2 12.44 -6.06 -15.29
CA ARG B 2 12.08 -4.67 -14.87
C ARG B 2 11.38 -4.63 -13.50
N VAL B 3 10.74 -3.50 -13.21
CA VAL B 3 10.34 -3.13 -11.85
C VAL B 3 9.38 -4.11 -11.19
N ARG B 4 9.49 -4.25 -9.87
CA ARG B 4 8.54 -5.06 -9.12
C ARG B 4 7.36 -4.23 -8.64
N HIS B 5 6.16 -4.81 -8.73
CA HIS B 5 4.91 -4.13 -8.46
C HIS B 5 4.42 -4.54 -7.09
N ALA B 6 4.16 -3.55 -6.25
CA ALA B 6 3.57 -3.77 -4.94
C ALA B 6 2.04 -3.82 -5.12
C1 0QE B 7 1.61 -5.24 -5.22
C1' BNG C . 3.06 6.82 1.59
C2' BNG C . 2.97 8.30 1.87
C3' BNG C . 3.95 9.10 1.01
C4' BNG C . 4.30 10.43 1.66
C3' BNG D . 17.74 13.51 -7.63
C4' BNG D . 18.41 12.14 -7.54
C5' BNG D . 19.74 12.11 -8.31
C6' BNG D . 20.02 10.72 -8.87
C2' BNG E . -1.63 17.50 -4.81
C3' BNG E . -0.67 16.51 -4.16
C4' BNG E . 0.53 16.25 -5.06
C5' BNG E . 1.49 15.24 -4.42
C6' BNG E . 2.69 14.91 -5.30
C7' BNG E . 3.50 13.75 -4.73
C8' BNG E . 5.00 14.05 -4.68
C1' BNG F . -1.35 -5.08 -23.24
C2' BNG F . -2.03 -3.91 -22.55
C3' BNG F . -3.03 -4.40 -21.50
C4' BNG F . -3.76 -3.24 -20.83
C5' BNG F . -5.09 -3.70 -20.23
C6' BNG F . -5.80 -2.58 -19.49
C7' BNG F . -6.55 -3.11 -18.26
C8' BNG F . -7.53 -2.07 -17.69
C9' BNG F . -8.42 -2.64 -16.62
C1' BNG G . 3.59 -22.23 -1.56
C2' BNG G . 4.44 -22.27 -2.82
C3' BNG G . 4.81 -20.86 -3.25
C4' BNG G . 5.58 -20.81 -4.58
C5' BNG G . 5.74 -19.37 -5.08
C6' BNG G . 6.95 -18.68 -4.44
C7' BNG G . 6.84 -17.16 -4.43
C8' BNG G . 7.53 -16.50 -3.24
C9' BNG G . 8.92 -15.98 -3.60
CL CL H . -15.92 9.42 -2.62
#